data_3UY8
#
_entry.id   3UY8
#
_cell.length_a   87.961
_cell.length_b   102.727
_cell.length_c   66.296
_cell.angle_alpha   90.00
_cell.angle_beta   90.00
_cell.angle_gamma   90.00
#
_symmetry.space_group_name_H-M   'P 21 21 2'
#
loop_
_entity.id
_entity.type
_entity.pdbx_description
1 polymer 'Kemp eliminase KE59 R5_11/5F'
2 non-polymer 'SULFATE ION'
3 water water
#
_entity_poly.entity_id   1
_entity_poly.type   'polypeptide(L)'
_entity_poly.pdbx_seq_one_letter_code
;PRYLKGWLEDVVQLSLRRPSLRASRQRPIISLKERILEFNKRNNTAIIAVYKRKSPSGLDVERDPIEYAKFMERYAVGLA
ILTEEKYFNGSYEDLRKIASSVSIPILMWDFIVKESQIDDAYNLGADTVGLIVKILTERELESLLEYARSYGMEPAIVIN
DENDLDIALRIGARFIIISSHDLETLEINKENQRKLISMIPSNVVKVVASGISERNEIEELYKLGVNAFEIGSSLMRNPE
KIKEFIQ
;
_entity_poly.pdbx_strand_id   A,B
#
loop_
_chem_comp.id
_chem_comp.type
_chem_comp.name
_chem_comp.formula
SO4 non-polymer 'SULFATE ION' 'O4 S -2'
#
# COMPACT_ATOMS: atom_id res chain seq x y z
N PRO A 1 -19.28 24.76 10.91
CA PRO A 1 -17.86 24.44 11.34
C PRO A 1 -17.76 24.23 12.86
N ARG A 2 -16.70 23.59 13.36
CA ARG A 2 -16.51 23.60 14.82
C ARG A 2 -16.20 25.06 15.36
N TYR A 3 -16.42 25.27 16.64
CA TYR A 3 -15.88 26.42 17.36
C TYR A 3 -14.40 26.27 17.51
N LEU A 4 -13.62 27.20 16.97
CA LEU A 4 -12.17 27.14 17.03
C LEU A 4 -11.66 28.42 17.70
N LYS A 5 -10.39 28.41 18.13
CA LYS A 5 -9.65 29.65 18.60
C LYS A 5 -8.47 30.12 17.65
N GLY A 6 -7.99 31.35 17.87
CA GLY A 6 -6.72 31.90 17.29
C GLY A 6 -6.87 32.12 15.80
N TRP A 7 -5.76 31.92 15.09
CA TRP A 7 -5.77 32.13 13.65
C TRP A 7 -6.68 31.21 12.92
N LEU A 8 -6.77 29.97 13.36
CA LEU A 8 -7.76 29.03 12.83
C LEU A 8 -9.17 29.51 12.83
N GLU A 9 -9.65 30.11 13.92
CA GLU A 9 -11.02 30.65 13.99
C GLU A 9 -11.19 31.66 12.92
N ASP A 10 -10.20 32.55 12.81
CA ASP A 10 -10.28 33.67 11.86
C ASP A 10 -10.28 33.17 10.39
N VAL A 11 -9.42 32.20 10.08
CA VAL A 11 -9.33 31.70 8.70
C VAL A 11 -10.67 30.98 8.23
N VAL A 12 -11.29 30.28 9.20
CA VAL A 12 -12.57 29.62 8.97
C VAL A 12 -13.71 30.62 8.74
N GLN A 13 -13.84 31.61 9.67
CA GLN A 13 -14.71 32.74 9.55
C GLN A 13 -14.43 33.36 8.23
N LEU A 14 -13.15 33.55 7.95
CA LEU A 14 -12.77 34.23 6.76
C LEU A 14 -13.23 33.33 5.63
N SER A 15 -13.17 32.00 5.80
CA SER A 15 -13.41 31.18 4.62
C SER A 15 -14.94 31.03 4.18
N LEU A 16 -15.86 31.08 5.12
CA LEU A 16 -17.26 31.13 4.85
C LEU A 16 -17.70 32.11 3.74
N ARG A 17 -16.96 33.24 3.70
CA ARG A 17 -17.30 34.48 2.97
C ARG A 17 -16.51 34.49 1.71
N ARG A 18 -15.69 33.49 1.51
CA ARG A 18 -14.95 33.46 0.28
C ARG A 18 -15.84 33.44 -0.95
N PRO A 19 -15.63 34.40 -1.82
CA PRO A 19 -16.47 34.65 -2.99
C PRO A 19 -16.20 33.74 -4.16
N SER A 20 -17.19 33.29 -4.91
CA SER A 20 -16.86 32.39 -6.00
C SER A 20 -16.96 33.00 -7.35
N LEU A 21 -16.18 32.46 -8.28
CA LEU A 21 -15.94 33.00 -9.60
C LEU A 21 -16.65 32.35 -10.78
N ARG A 22 -16.88 33.18 -11.81
CA ARG A 22 -17.35 32.69 -13.13
C ARG A 22 -16.30 31.95 -13.96
N ALA A 23 -16.33 30.61 -14.02
CA ALA A 23 -15.35 29.96 -14.88
C ALA A 23 -15.67 28.65 -15.65
N SER A 24 -14.77 28.33 -16.57
CA SER A 24 -14.96 27.21 -17.39
C SER A 24 -13.70 26.46 -17.46
N ARG A 25 -13.74 25.36 -16.71
CA ARG A 25 -12.94 24.23 -17.00
C ARG A 25 -13.57 23.71 -18.30
N GLN A 26 -12.80 23.20 -19.29
CA GLN A 26 -11.39 23.42 -19.54
C GLN A 26 -10.73 22.09 -19.93
N ARG A 27 -9.93 21.47 -19.05
CA ARG A 27 -9.61 20.01 -19.27
C ARG A 27 -10.56 19.11 -18.50
N PRO A 28 -10.53 17.78 -18.79
CA PRO A 28 -11.37 16.92 -17.90
C PRO A 28 -10.73 16.69 -16.51
N ILE A 29 -11.56 16.55 -15.48
CA ILE A 29 -11.18 15.98 -14.17
C ILE A 29 -10.26 14.73 -14.32
N ILE A 30 -8.98 14.79 -13.90
CA ILE A 30 -8.10 13.64 -13.70
C ILE A 30 -7.95 13.31 -12.17
N SER A 31 -7.89 12.01 -11.79
CA SER A 31 -7.89 11.53 -10.39
C SER A 31 -6.51 11.53 -9.82
N LEU A 32 -6.33 12.33 -8.80
CA LEU A 32 -5.02 12.42 -8.12
C LEU A 32 -4.81 11.04 -7.43
N LYS A 33 -5.89 10.54 -6.84
CA LYS A 33 -5.85 9.29 -6.12
C LYS A 33 -5.37 8.17 -7.02
N GLU A 34 -5.90 8.12 -8.25
CA GLU A 34 -5.58 7.03 -9.13
C GLU A 34 -4.30 7.29 -9.70
N ARG A 35 -3.88 8.55 -9.76
CA ARG A 35 -2.46 8.76 -10.31
C ARG A 35 -1.43 8.19 -9.35
N ILE A 36 -1.77 8.19 -8.06
CA ILE A 36 -0.85 7.70 -7.04
C ILE A 36 -0.55 6.21 -7.18
N LEU A 37 -1.62 5.44 -7.30
CA LEU A 37 -1.56 3.99 -7.66
C LEU A 37 -0.85 3.72 -8.94
N GLU A 38 -1.00 4.49 -10.05
CA GLU A 38 -0.05 4.14 -11.19
C GLU A 38 1.38 4.35 -10.81
N PHE A 39 1.64 5.37 -10.01
CA PHE A 39 3.10 5.63 -9.79
C PHE A 39 3.55 4.49 -8.92
N ASN A 40 2.70 4.09 -7.93
CA ASN A 40 3.05 2.85 -7.11
C ASN A 40 3.30 1.65 -8.04
N LYS A 41 2.38 1.40 -8.95
CA LYS A 41 2.58 0.32 -9.87
C LYS A 41 3.86 0.43 -10.72
N ARG A 42 4.35 1.62 -10.95
CA ARG A 42 5.51 1.84 -11.79
C ARG A 42 6.81 1.91 -11.06
N ASN A 43 6.79 1.78 -9.77
CA ASN A 43 7.98 1.90 -8.96
C ASN A 43 8.56 3.27 -9.05
N ASN A 44 7.70 4.26 -9.15
CA ASN A 44 8.07 5.63 -9.17
C ASN A 44 7.65 6.32 -7.90
N THR A 45 8.58 6.83 -7.13
CA THR A 45 8.24 7.70 -6.00
C THR A 45 7.17 8.72 -6.26
N ALA A 46 6.25 8.92 -5.35
CA ALA A 46 5.08 9.76 -5.66
C ALA A 46 5.04 10.95 -4.66
N ILE A 47 5.45 12.15 -5.17
CA ILE A 47 5.53 13.39 -4.34
C ILE A 47 4.49 14.34 -4.80
N ILE A 48 3.63 14.79 -3.90
CA ILE A 48 2.74 15.82 -4.24
C ILE A 48 3.45 17.14 -3.78
N ALA A 49 3.94 17.91 -4.77
CA ALA A 49 4.61 19.20 -4.50
C ALA A 49 3.58 20.31 -4.18
N VAL A 50 3.84 21.07 -3.11
CA VAL A 50 2.86 22.10 -2.69
C VAL A 50 3.44 23.46 -3.14
N TYR A 51 2.58 24.32 -3.63
CA TYR A 51 2.93 25.69 -3.90
C TYR A 51 2.37 26.53 -2.81
N LYS A 52 3.21 27.21 -2.07
CA LYS A 52 2.78 28.27 -1.16
C LYS A 52 3.83 29.34 -0.93
N ARG A 53 3.42 30.58 -1.01
CA ARG A 53 4.31 31.69 -0.82
C ARG A 53 4.66 31.90 0.63
N LYS A 54 3.69 31.84 1.50
CA LYS A 54 3.86 32.13 2.88
C LYS A 54 3.34 31.01 3.68
N SER A 55 3.67 31.01 4.95
CA SER A 55 3.04 30.16 5.92
C SER A 55 3.08 30.81 7.29
N PRO A 56 2.20 30.38 8.19
CA PRO A 56 2.15 30.99 9.50
C PRO A 56 3.33 30.60 10.33
N SER A 57 3.81 29.40 10.15
CA SER A 57 5.03 29.00 10.86
C SER A 57 6.31 29.80 10.39
N GLY A 58 6.19 30.68 9.37
CA GLY A 58 7.29 31.54 8.93
C GLY A 58 7.92 31.43 7.51
N LEU A 59 7.56 30.42 6.75
CA LEU A 59 7.87 30.32 5.37
C LEU A 59 7.58 31.65 4.66
N ASP A 60 8.52 32.16 3.84
CA ASP A 60 8.39 33.45 3.15
C ASP A 60 9.25 33.48 1.89
N VAL A 61 8.62 33.12 0.76
CA VAL A 61 9.38 32.85 -0.47
C VAL A 61 8.75 33.56 -1.72
N GLU A 62 9.60 34.10 -2.63
CA GLU A 62 9.13 34.50 -3.93
C GLU A 62 9.47 33.43 -4.94
N ARG A 63 8.49 33.11 -5.75
CA ARG A 63 8.67 32.12 -6.87
C ARG A 63 7.46 32.12 -7.76
N ASP A 64 7.72 32.16 -9.01
CA ASP A 64 6.59 32.23 -9.94
C ASP A 64 5.75 30.88 -9.95
N PRO A 65 4.45 30.95 -9.83
CA PRO A 65 3.62 29.74 -9.80
C PRO A 65 3.75 28.88 -11.04
N ILE A 66 3.77 29.48 -12.19
CA ILE A 66 3.89 28.73 -13.42
C ILE A 66 5.23 28.12 -13.63
N GLU A 67 6.30 28.81 -13.28
CA GLU A 67 7.60 28.19 -13.35
C GLU A 67 7.75 27.07 -12.36
N TYR A 68 7.13 27.18 -11.21
CA TYR A 68 7.08 26.09 -10.27
C TYR A 68 6.34 24.93 -10.87
N ALA A 69 5.19 25.20 -11.41
CA ALA A 69 4.40 24.14 -11.92
C ALA A 69 5.07 23.47 -13.10
N LYS A 70 5.62 24.27 -14.01
CA LYS A 70 5.98 23.74 -15.33
C LYS A 70 7.11 22.90 -15.02
N PHE A 71 7.90 23.31 -14.03
CA PHE A 71 9.00 22.45 -13.54
C PHE A 71 8.61 21.12 -12.76
N MET A 72 7.59 21.17 -11.90
CA MET A 72 7.26 19.99 -11.07
C MET A 72 6.63 18.93 -12.04
N GLU A 73 5.82 19.41 -12.97
CA GLU A 73 5.17 18.56 -13.95
C GLU A 73 6.02 17.43 -14.49
N ARG A 74 7.32 17.55 -14.46
CA ARG A 74 8.05 16.40 -14.93
C ARG A 74 8.38 15.46 -13.84
N TYR A 75 8.22 15.88 -12.59
CA TYR A 75 8.78 15.10 -11.49
C TYR A 75 7.76 14.60 -10.40
N ALA A 76 6.55 15.11 -10.39
CA ALA A 76 5.82 15.13 -9.27
C ALA A 76 4.54 14.47 -9.67
N VAL A 77 3.82 13.98 -8.68
CA VAL A 77 2.65 13.14 -8.99
C VAL A 77 1.46 14.03 -9.13
N GLY A 78 1.60 15.18 -8.47
CA GLY A 78 0.49 16.15 -8.36
C GLY A 78 1.10 17.37 -7.68
N LEU A 79 0.31 18.43 -7.64
CA LEU A 79 0.67 19.70 -7.09
C LEU A 79 -0.40 20.13 -6.15
N ALA A 80 -0.11 20.72 -4.99
CA ALA A 80 -1.21 21.20 -4.20
C ALA A 80 -1.02 22.76 -4.23
N ILE A 81 -2.06 23.54 -4.58
CA ILE A 81 -1.97 24.98 -4.64
C ILE A 81 -2.68 25.66 -3.51
N LEU A 82 -2.02 26.32 -2.58
CA LEU A 82 -2.76 27.00 -1.53
C LEU A 82 -3.60 28.10 -2.22
N THR A 83 -4.75 28.48 -1.75
CA THR A 83 -5.50 29.43 -2.47
C THR A 83 -6.13 30.11 -1.37
N GLU A 84 -5.70 29.78 -0.17
CA GLU A 84 -6.06 30.66 1.02
C GLU A 84 -5.18 31.97 0.98
N GLU A 85 -5.80 33.12 1.32
CA GLU A 85 -5.31 34.48 0.98
C GLU A 85 -4.62 35.14 2.09
N LYS A 86 -5.11 35.08 3.30
CA LYS A 86 -4.56 35.77 4.37
C LYS A 86 -3.21 35.30 5.02
N TYR A 87 -3.07 34.02 5.30
CA TYR A 87 -2.01 33.45 6.01
C TYR A 87 -1.01 32.74 5.13
N PHE A 88 -1.42 32.36 3.95
CA PHE A 88 -0.53 31.65 2.99
C PHE A 88 -0.36 32.50 1.70
N ASN A 89 -1.05 33.63 1.60
CA ASN A 89 -0.94 34.55 0.52
C ASN A 89 -1.09 33.87 -0.82
N GLY A 90 -2.05 32.93 -0.88
CA GLY A 90 -2.41 32.39 -2.14
C GLY A 90 -3.59 33.14 -2.68
N SER A 91 -4.09 32.65 -3.85
CA SER A 91 -5.42 33.06 -4.42
C SER A 91 -5.90 32.09 -5.55
N TYR A 92 -7.17 32.22 -5.94
CA TYR A 92 -7.69 31.54 -7.20
C TYR A 92 -6.87 31.70 -8.51
N GLU A 93 -6.28 32.88 -8.66
CA GLU A 93 -5.41 33.16 -9.77
C GLU A 93 -4.19 32.25 -9.85
N ASP A 94 -3.64 31.90 -8.70
CA ASP A 94 -2.63 30.83 -8.74
C ASP A 94 -3.15 29.49 -9.29
N LEU A 95 -4.37 29.06 -8.84
CA LEU A 95 -4.94 27.80 -9.41
C LEU A 95 -5.12 27.91 -10.94
N ARG A 96 -5.83 28.99 -11.36
CA ARG A 96 -6.01 29.29 -12.80
C ARG A 96 -4.79 29.21 -13.68
N LYS A 97 -3.75 29.90 -13.29
CA LYS A 97 -2.61 29.92 -14.13
C LYS A 97 -2.00 28.57 -14.17
N ILE A 98 -1.99 27.92 -13.00
CA ILE A 98 -1.39 26.57 -12.88
C ILE A 98 -2.14 25.49 -13.69
N ALA A 99 -3.46 25.46 -13.63
CA ALA A 99 -4.19 24.49 -14.52
C ALA A 99 -3.96 24.65 -16.09
N SER A 100 -3.85 25.88 -16.62
CA SER A 100 -3.76 25.97 -18.07
C SER A 100 -2.35 25.60 -18.52
N SER A 101 -1.42 25.57 -17.57
CA SER A 101 -0.02 25.40 -17.97
C SER A 101 0.41 23.96 -17.90
N VAL A 102 -0.28 23.18 -17.06
CA VAL A 102 0.19 21.80 -16.84
C VAL A 102 -0.89 20.75 -16.97
N SER A 103 -0.46 19.54 -17.33
CA SER A 103 -1.52 18.52 -17.45
C SER A 103 -1.54 17.38 -16.31
N ILE A 104 -0.84 17.60 -15.18
CA ILE A 104 -0.88 16.70 -14.00
C ILE A 104 -1.92 17.13 -13.05
N PRO A 105 -2.40 16.21 -12.18
CA PRO A 105 -3.48 16.47 -11.20
C PRO A 105 -3.07 17.54 -10.19
N ILE A 106 -4.07 18.36 -9.87
CA ILE A 106 -3.90 19.41 -9.02
C ILE A 106 -4.81 19.26 -7.84
N LEU A 107 -4.28 19.48 -6.62
CA LEU A 107 -5.19 19.56 -5.48
C LEU A 107 -5.29 21.02 -5.03
N MET A 108 -6.48 21.46 -4.70
CA MET A 108 -6.68 22.79 -4.25
C MET A 108 -6.73 22.80 -2.77
N TRP A 109 -5.70 23.33 -2.17
CA TRP A 109 -5.53 23.37 -0.77
C TRP A 109 -6.07 24.61 -0.19
N ASP A 110 -7.14 24.51 0.56
CA ASP A 110 -7.72 25.63 1.25
C ASP A 110 -8.42 25.14 2.49
N PHE A 111 -9.27 25.98 3.07
CA PHE A 111 -10.06 25.57 4.18
C PHE A 111 -11.48 25.41 3.81
N ILE A 112 -11.81 24.28 3.21
CA ILE A 112 -13.10 24.09 2.57
C ILE A 112 -14.19 23.97 3.60
N VAL A 113 -15.21 24.86 3.55
CA VAL A 113 -16.26 24.94 4.66
C VAL A 113 -17.62 25.09 4.08
N LYS A 114 -17.64 25.23 2.75
CA LYS A 114 -18.92 25.42 2.02
C LYS A 114 -18.84 24.94 0.61
N GLU A 115 -19.97 24.79 0.01
CA GLU A 115 -20.10 24.36 -1.38
C GLU A 115 -19.45 25.17 -2.53
N SER A 116 -19.59 26.53 -2.45
CA SER A 116 -19.04 27.26 -3.64
C SER A 116 -17.49 27.13 -3.81
N GLN A 117 -16.87 26.78 -2.69
CA GLN A 117 -15.39 26.60 -2.80
C GLN A 117 -15.08 25.37 -3.50
N ILE A 118 -15.94 24.38 -3.29
CA ILE A 118 -15.86 23.21 -4.21
C ILE A 118 -16.25 23.57 -5.61
N ASP A 119 -17.31 24.41 -5.79
CA ASP A 119 -17.64 24.91 -7.20
C ASP A 119 -16.44 25.64 -7.87
N ASP A 120 -15.76 26.52 -7.06
CA ASP A 120 -14.67 27.30 -7.61
C ASP A 120 -13.60 26.39 -7.91
N ALA A 121 -13.37 25.42 -7.02
CA ALA A 121 -12.25 24.55 -7.40
C ALA A 121 -12.47 23.80 -8.67
N TYR A 122 -13.74 23.32 -8.81
CA TYR A 122 -14.13 22.56 -10.04
C TYR A 122 -13.99 23.61 -11.15
N ASN A 123 -14.64 24.77 -10.96
CA ASN A 123 -14.69 25.71 -12.07
C ASN A 123 -13.31 26.27 -12.54
N LEU A 124 -12.34 26.26 -11.57
CA LEU A 124 -11.03 26.89 -11.82
C LEU A 124 -10.16 25.91 -12.35
N GLY A 125 -10.59 24.65 -12.37
CA GLY A 125 -9.75 23.57 -13.03
C GLY A 125 -9.03 22.66 -12.01
N ALA A 126 -9.39 22.74 -10.73
CA ALA A 126 -8.78 21.77 -9.78
C ALA A 126 -9.35 20.36 -9.86
N ASP A 127 -8.54 19.31 -9.91
CA ASP A 127 -9.04 17.90 -9.83
C ASP A 127 -9.54 17.29 -8.57
N THR A 128 -9.30 17.95 -7.44
CA THR A 128 -9.76 17.44 -6.13
C THR A 128 -9.59 18.54 -5.06
N VAL A 129 -10.06 18.35 -3.83
CA VAL A 129 -9.82 19.25 -2.77
C VAL A 129 -9.45 18.45 -1.55
N GLY A 130 -9.19 19.21 -0.47
CA GLY A 130 -8.74 18.76 0.82
C GLY A 130 -9.92 19.05 1.69
N LEU A 131 -10.22 18.17 2.63
CA LEU A 131 -11.25 18.39 3.59
C LEU A 131 -10.68 18.02 4.91
N ILE A 132 -10.82 18.91 5.88
CA ILE A 132 -10.09 18.80 7.09
C ILE A 132 -11.07 18.41 8.18
N VAL A 133 -10.78 17.28 8.84
CA VAL A 133 -11.73 16.79 9.83
C VAL A 133 -11.79 17.73 11.01
N LYS A 134 -10.71 18.35 11.39
CA LYS A 134 -10.76 19.08 12.67
C LYS A 134 -11.54 20.40 12.67
N ILE A 135 -12.10 20.79 11.52
CA ILE A 135 -12.68 22.09 11.25
C ILE A 135 -14.14 21.89 10.94
N LEU A 136 -14.48 20.70 10.52
CA LEU A 136 -15.84 20.36 10.15
C LEU A 136 -16.53 19.54 11.25
N THR A 137 -17.85 19.61 11.30
CA THR A 137 -18.69 18.70 12.13
C THR A 137 -18.80 17.46 11.32
N GLU A 138 -19.05 16.36 11.97
CA GLU A 138 -19.11 15.07 11.22
C GLU A 138 -20.12 15.14 10.07
N ARG A 139 -21.24 15.80 10.31
CA ARG A 139 -22.23 15.92 9.25
C ARG A 139 -21.76 16.80 8.10
N GLU A 140 -20.98 17.83 8.45
CA GLU A 140 -20.49 18.74 7.42
C GLU A 140 -19.57 17.96 6.53
N LEU A 141 -18.76 17.12 7.15
CA LEU A 141 -17.80 16.33 6.43
C LEU A 141 -18.46 15.37 5.48
N GLU A 142 -19.44 14.65 5.97
CA GLU A 142 -20.13 13.71 5.14
C GLU A 142 -20.72 14.42 3.96
N SER A 143 -21.31 15.57 4.21
CA SER A 143 -22.01 16.31 3.13
C SER A 143 -21.09 16.89 2.05
N LEU A 144 -20.00 17.55 2.52
CA LEU A 144 -19.01 18.09 1.55
C LEU A 144 -18.28 16.99 0.77
N LEU A 145 -18.03 15.83 1.42
CA LEU A 145 -17.47 14.67 0.71
C LEU A 145 -18.39 14.19 -0.41
N GLU A 146 -19.70 14.02 -0.17
CA GLU A 146 -20.65 13.66 -1.25
C GLU A 146 -20.63 14.67 -2.40
N TYR A 147 -20.70 15.95 -2.02
CA TYR A 147 -20.80 17.01 -3.01
C TYR A 147 -19.62 16.96 -3.96
N ALA A 148 -18.45 16.84 -3.41
CA ALA A 148 -17.32 16.76 -4.31
C ALA A 148 -17.36 15.53 -5.20
N ARG A 149 -17.82 14.39 -4.66
CA ARG A 149 -18.03 13.26 -5.56
C ARG A 149 -19.09 13.57 -6.63
N SER A 150 -20.15 14.33 -6.33
CA SER A 150 -21.11 14.67 -7.50
C SER A 150 -20.41 15.24 -8.67
N TYR A 151 -19.45 16.14 -8.44
CA TYR A 151 -18.55 16.59 -9.52
C TYR A 151 -17.61 15.59 -10.16
N GLY A 152 -17.31 14.48 -9.48
CA GLY A 152 -16.27 13.49 -9.97
C GLY A 152 -14.91 13.57 -9.18
N MET A 153 -14.89 14.23 -8.04
CA MET A 153 -13.52 14.36 -7.37
C MET A 153 -13.43 13.27 -6.31
N GLU A 154 -12.26 12.74 -6.07
CA GLU A 154 -12.14 12.04 -4.82
C GLU A 154 -11.29 12.93 -3.97
N PRO A 155 -11.91 13.58 -3.00
CA PRO A 155 -11.34 14.57 -2.06
C PRO A 155 -10.36 13.91 -1.08
N ALA A 156 -9.18 14.51 -0.80
CA ALA A 156 -8.38 13.99 0.31
C ALA A 156 -9.08 14.32 1.59
N ILE A 157 -9.20 13.35 2.49
CA ILE A 157 -9.52 13.79 3.92
C ILE A 157 -8.34 13.91 4.81
N VAL A 158 -8.23 15.02 5.49
CA VAL A 158 -7.03 15.33 6.29
C VAL A 158 -7.26 15.05 7.78
N ILE A 159 -6.32 14.32 8.38
CA ILE A 159 -6.49 13.90 9.75
C ILE A 159 -5.16 14.14 10.46
N ASN A 160 -5.25 14.30 11.81
CA ASN A 160 -4.16 14.54 12.77
C ASN A 160 -4.06 13.40 13.84
N ASP A 161 -5.14 12.63 14.03
CA ASP A 161 -5.16 11.68 15.10
C ASP A 161 -6.23 10.63 14.96
N GLU A 162 -6.29 9.74 15.92
CA GLU A 162 -7.23 8.66 15.81
C GLU A 162 -8.66 9.04 15.77
N ASN A 163 -9.06 10.10 16.48
CA ASN A 163 -10.50 10.58 16.36
C ASN A 163 -10.87 11.01 15.00
N ASP A 164 -9.97 11.75 14.36
CA ASP A 164 -10.14 12.21 13.01
C ASP A 164 -10.31 11.01 12.11
N LEU A 165 -9.45 9.99 12.30
CA LEU A 165 -9.50 8.75 11.44
C LEU A 165 -10.81 7.97 11.62
N ASP A 166 -11.24 7.86 12.88
CA ASP A 166 -12.43 7.10 13.17
C ASP A 166 -13.55 7.80 12.40
N ILE A 167 -13.61 9.17 12.44
CA ILE A 167 -14.63 9.85 11.63
C ILE A 167 -14.47 9.57 10.17
N ALA A 168 -13.27 9.53 9.64
CA ALA A 168 -13.15 9.46 8.19
C ALA A 168 -13.47 8.09 7.67
N LEU A 169 -13.01 7.05 8.42
CA LEU A 169 -13.41 5.69 8.02
C LEU A 169 -14.92 5.53 8.20
N ARG A 170 -15.52 6.08 9.26
CA ARG A 170 -16.98 6.00 9.26
C ARG A 170 -17.67 6.59 8.00
N ILE A 171 -17.27 7.80 7.51
CA ILE A 171 -18.00 8.42 6.34
C ILE A 171 -17.65 7.78 5.00
N GLY A 172 -16.72 6.83 5.05
CA GLY A 172 -16.34 6.15 3.81
C GLY A 172 -15.15 6.72 3.02
N ALA A 173 -14.15 7.33 3.68
CA ALA A 173 -13.01 7.85 2.95
C ALA A 173 -12.16 6.86 2.19
N ARG A 174 -11.59 7.25 1.07
CA ARG A 174 -10.87 6.40 0.18
C ARG A 174 -9.46 6.93 0.02
N PHE A 175 -9.31 8.19 0.42
CA PHE A 175 -8.09 8.92 0.13
C PHE A 175 -7.73 9.81 1.37
N ILE A 176 -6.63 9.48 2.05
CA ILE A 176 -6.38 10.06 3.35
C ILE A 176 -5.03 10.73 3.38
N ILE A 177 -4.99 11.96 3.98
CA ILE A 177 -3.70 12.66 4.17
C ILE A 177 -3.46 12.69 5.64
N ILE A 178 -2.37 12.07 6.10
CA ILE A 178 -1.99 12.10 7.47
C ILE A 178 -1.03 13.27 7.77
N SER A 179 -1.54 14.29 8.44
CA SER A 179 -0.73 15.43 8.80
C SER A 179 0.05 15.17 10.14
N SER A 180 1.31 15.53 10.24
CA SER A 180 1.98 15.60 11.56
C SER A 180 2.01 17.01 12.21
N HIS A 181 1.41 18.00 11.52
CA HIS A 181 1.11 19.33 12.07
C HIS A 181 0.07 19.34 13.19
N ASP A 182 0.45 19.87 14.36
CA ASP A 182 -0.52 20.35 15.34
C ASP A 182 -1.30 21.42 14.58
N LEU A 183 -2.64 21.29 14.55
CA LEU A 183 -3.39 22.24 13.69
C LEU A 183 -3.40 23.69 14.25
N GLU A 184 -3.66 23.84 15.56
CA GLU A 184 -3.52 25.16 16.24
C GLU A 184 -2.09 25.77 16.38
N THR A 185 -1.01 24.96 16.38
CA THR A 185 0.37 25.54 16.51
C THR A 185 1.37 25.24 15.39
N LEU A 186 1.43 23.98 14.96
CA LEU A 186 2.14 23.58 13.73
C LEU A 186 3.65 23.97 13.52
N GLU A 187 4.62 23.41 14.26
CA GLU A 187 4.53 22.33 15.25
C GLU A 187 4.31 20.94 14.66
N ILE A 188 5.43 20.33 14.22
CA ILE A 188 5.49 18.94 13.82
C ILE A 188 5.81 18.02 15.02
N ASN A 189 5.10 16.88 15.10
CA ASN A 189 5.33 15.82 16.08
C ASN A 189 4.91 14.47 15.44
N LYS A 190 5.89 13.56 15.28
CA LYS A 190 5.79 12.25 14.54
C LYS A 190 5.69 11.02 15.44
N GLU A 191 5.48 11.23 16.72
CA GLU A 191 5.55 10.13 17.69
C GLU A 191 4.35 9.25 17.46
N ASN A 192 3.35 9.83 16.88
CA ASN A 192 2.07 9.22 16.84
C ASN A 192 1.81 8.66 15.37
N GLN A 193 2.79 8.88 14.52
CA GLN A 193 2.73 8.62 13.12
C GLN A 193 2.56 7.12 12.76
N ARG A 194 3.54 6.31 13.11
CA ARG A 194 3.49 4.91 12.88
C ARG A 194 2.13 4.29 13.23
N LYS A 195 1.56 4.82 14.32
CA LYS A 195 0.46 4.21 14.98
C LYS A 195 -0.84 4.51 14.25
N LEU A 196 -1.01 5.76 13.89
CA LEU A 196 -2.04 6.18 12.93
C LEU A 196 -2.08 5.45 11.56
N ILE A 197 -0.96 5.40 10.86
CA ILE A 197 -0.84 4.76 9.62
C ILE A 197 -1.18 3.23 9.77
N SER A 198 -0.80 2.61 10.88
CA SER A 198 -1.02 1.16 11.07
C SER A 198 -2.50 0.95 11.22
N MET A 199 -3.26 1.98 11.52
CA MET A 199 -4.69 1.73 11.64
C MET A 199 -5.40 2.06 10.34
N ILE A 200 -4.77 2.48 9.26
CA ILE A 200 -5.71 2.68 8.22
C ILE A 200 -5.86 1.47 7.24
N PRO A 201 -7.09 1.12 6.87
CA PRO A 201 -7.16 -0.08 6.07
C PRO A 201 -6.47 0.04 4.72
N SER A 202 -6.15 -1.11 4.18
CA SER A 202 -5.33 -1.25 3.04
C SER A 202 -6.00 -0.83 1.77
N ASN A 203 -7.29 -0.61 1.78
CA ASN A 203 -7.95 -0.06 0.63
C ASN A 203 -8.11 1.48 0.59
N VAL A 204 -7.45 2.16 1.49
CA VAL A 204 -7.44 3.60 1.52
C VAL A 204 -6.07 4.13 1.09
N VAL A 205 -5.99 4.94 0.04
CA VAL A 205 -4.67 5.49 -0.32
C VAL A 205 -4.13 6.48 0.70
N LYS A 206 -2.89 6.32 1.18
CA LYS A 206 -2.49 7.09 2.31
C LYS A 206 -1.35 7.98 1.86
N VAL A 207 -1.43 9.24 2.29
CA VAL A 207 -0.42 10.23 1.98
C VAL A 207 0.03 10.92 3.24
N VAL A 208 1.30 11.04 3.38
CA VAL A 208 1.93 11.68 4.54
C VAL A 208 2.36 13.10 4.26
N ALA A 209 1.91 14.02 5.07
CA ALA A 209 2.38 15.49 5.04
C ALA A 209 3.14 15.75 6.27
N SER A 210 4.40 16.13 6.18
CA SER A 210 5.28 15.93 7.32
C SER A 210 6.58 16.75 7.36
N GLY A 211 6.65 17.88 6.66
CA GLY A 211 7.95 18.54 6.48
C GLY A 211 8.99 17.48 6.21
N ILE A 212 8.74 16.56 5.24
CA ILE A 212 9.82 15.63 4.85
C ILE A 212 10.96 16.44 4.18
N SER A 213 12.19 15.95 4.29
CA SER A 213 13.25 16.70 3.76
C SER A 213 14.37 15.79 3.24
N GLU A 214 14.44 14.59 3.79
CA GLU A 214 15.46 13.65 3.40
C GLU A 214 14.77 12.46 2.68
N ARG A 215 15.52 11.91 1.72
CA ARG A 215 15.20 10.65 1.03
C ARG A 215 14.89 9.53 2.04
N ASN A 216 15.78 9.21 2.99
CA ASN A 216 15.61 8.00 3.83
C ASN A 216 14.34 7.89 4.65
N GLU A 217 13.69 9.01 4.87
CA GLU A 217 12.39 9.08 5.53
C GLU A 217 11.26 8.54 4.60
N ILE A 218 11.24 9.01 3.37
CA ILE A 218 10.44 8.35 2.36
C ILE A 218 10.63 6.85 2.38
N GLU A 219 11.84 6.36 2.42
CA GLU A 219 12.01 4.93 2.43
C GLU A 219 11.37 4.21 3.60
N GLU A 220 11.38 4.85 4.81
CA GLU A 220 10.99 4.24 6.03
C GLU A 220 9.49 4.28 5.99
N LEU A 221 8.93 5.31 5.39
CA LEU A 221 7.50 5.33 5.39
C LEU A 221 6.87 4.29 4.36
N TYR A 222 7.54 3.98 3.27
CA TYR A 222 7.13 2.93 2.33
C TYR A 222 6.89 1.63 3.09
N LYS A 223 7.79 1.37 4.01
CA LYS A 223 7.78 0.18 4.77
C LYS A 223 6.53 0.12 5.66
N LEU A 224 5.85 1.22 5.92
CA LEU A 224 4.63 1.19 6.70
C LEU A 224 3.37 1.19 5.81
N GLY A 225 3.54 1.22 4.45
CA GLY A 225 2.34 1.16 3.58
C GLY A 225 1.96 2.52 3.06
N VAL A 226 2.79 3.57 3.22
CA VAL A 226 2.35 4.87 2.71
C VAL A 226 2.54 4.91 1.17
N ASN A 227 1.57 5.57 0.50
CA ASN A 227 1.44 5.60 -0.99
C ASN A 227 2.18 6.73 -1.60
N ALA A 228 2.32 7.81 -0.84
CA ALA A 228 2.80 9.09 -1.41
C ALA A 228 3.00 10.17 -0.30
N PHE A 229 3.56 11.33 -0.70
CA PHE A 229 4.26 12.24 0.21
C PHE A 229 3.92 13.63 -0.18
N GLU A 230 3.33 14.38 0.74
CA GLU A 230 2.98 15.74 0.43
C GLU A 230 4.14 16.59 1.01
N ILE A 231 4.78 17.35 0.11
CA ILE A 231 6.02 18.12 0.40
C ILE A 231 5.98 19.58 -0.07
N GLY A 232 6.03 20.48 0.90
CA GLY A 232 5.92 21.94 0.65
C GLY A 232 7.24 22.73 0.80
N SER A 233 7.50 23.16 2.04
CA SER A 233 8.60 24.09 2.38
C SER A 233 9.88 23.89 1.66
N SER A 234 10.41 22.68 1.75
CA SER A 234 11.76 22.49 1.24
C SER A 234 11.80 22.67 -0.28
N LEU A 235 10.75 22.28 -0.97
CA LEU A 235 10.67 22.38 -2.39
C LEU A 235 10.33 23.74 -2.84
N MET A 236 9.73 24.52 -1.97
CA MET A 236 9.37 25.86 -2.28
C MET A 236 10.61 26.71 -2.16
N ARG A 237 11.57 26.20 -1.43
CA ARG A 237 12.82 26.86 -1.26
C ARG A 237 13.81 26.41 -2.27
N ASN A 238 13.80 25.14 -2.57
CA ASN A 238 14.61 24.65 -3.63
C ASN A 238 13.91 23.58 -4.41
N PRO A 239 13.19 23.98 -5.42
CA PRO A 239 12.44 23.01 -6.23
C PRO A 239 13.30 21.80 -6.66
N GLU A 240 14.59 21.99 -6.76
CA GLU A 240 15.52 20.98 -7.19
C GLU A 240 15.69 19.82 -6.23
N LYS A 241 15.42 20.02 -4.95
CA LYS A 241 15.41 18.91 -3.99
C LYS A 241 14.47 17.74 -4.42
N ILE A 242 13.42 18.03 -5.14
CA ILE A 242 12.73 16.91 -5.69
C ILE A 242 13.61 15.73 -6.35
N LYS A 243 14.71 16.06 -7.07
CA LYS A 243 15.47 15.04 -7.77
C LYS A 243 16.13 14.16 -6.75
N GLU A 244 16.29 14.66 -5.55
CA GLU A 244 16.91 13.82 -4.53
C GLU A 244 15.86 12.83 -3.97
N PHE A 245 14.61 13.23 -3.95
CA PHE A 245 13.58 12.38 -3.42
C PHE A 245 13.16 11.28 -4.37
N ILE A 246 13.44 11.38 -5.68
CA ILE A 246 13.59 10.15 -6.54
C ILE A 246 15.06 9.65 -6.44
N PRO B 1 22.03 -23.61 4.82
CA PRO B 1 20.95 -24.59 4.67
C PRO B 1 21.32 -26.05 5.10
N ARG B 2 20.34 -26.91 5.17
CA ARG B 2 20.56 -28.30 5.48
C ARG B 2 21.01 -29.10 4.31
N TYR B 3 21.54 -30.28 4.58
CA TYR B 3 21.91 -31.19 3.55
C TYR B 3 20.67 -31.85 3.16
N LEU B 4 20.43 -32.01 1.87
CA LEU B 4 19.19 -32.59 1.43
C LEU B 4 19.49 -33.49 0.31
N LYS B 5 18.43 -34.04 -0.27
CA LYS B 5 18.59 -34.94 -1.37
C LYS B 5 17.72 -34.55 -2.53
N GLY B 6 18.08 -34.99 -3.71
CA GLY B 6 17.18 -35.02 -4.81
C GLY B 6 16.99 -33.71 -5.46
N TRP B 7 15.81 -33.49 -5.98
CA TRP B 7 15.58 -32.31 -6.76
C TRP B 7 15.63 -31.11 -5.81
N LEU B 8 15.17 -31.35 -4.61
CA LEU B 8 15.24 -30.36 -3.58
C LEU B 8 16.64 -29.92 -3.24
N GLU B 9 17.63 -30.80 -3.25
CA GLU B 9 19.01 -30.35 -2.97
C GLU B 9 19.60 -29.51 -4.08
N ASP B 10 19.21 -29.88 -5.28
CA ASP B 10 19.58 -29.18 -6.47
C ASP B 10 19.11 -27.69 -6.39
N VAL B 11 17.80 -27.53 -6.17
CA VAL B 11 17.20 -26.28 -6.17
C VAL B 11 17.80 -25.44 -5.06
N VAL B 12 18.11 -26.06 -3.94
CA VAL B 12 18.66 -25.25 -2.87
C VAL B 12 20.03 -24.73 -3.21
N GLN B 13 20.89 -25.61 -3.73
CA GLN B 13 22.23 -25.32 -4.23
C GLN B 13 22.15 -24.36 -5.35
N LEU B 14 21.08 -24.43 -6.10
CA LEU B 14 20.95 -23.51 -7.21
C LEU B 14 20.65 -22.12 -6.63
N SER B 15 19.77 -22.06 -5.61
CA SER B 15 19.35 -20.80 -5.01
C SER B 15 20.53 -20.20 -4.25
N LEU B 16 21.48 -20.97 -3.76
CA LEU B 16 22.65 -20.24 -3.25
C LEU B 16 23.36 -19.30 -4.25
N ARG B 17 23.24 -19.60 -5.57
CA ARG B 17 23.95 -18.91 -6.69
C ARG B 17 23.08 -17.86 -7.34
N ARG B 18 21.88 -17.69 -6.80
CA ARG B 18 20.88 -16.88 -7.46
C ARG B 18 21.30 -15.41 -7.40
N PRO B 19 21.43 -14.75 -8.59
CA PRO B 19 22.15 -13.51 -8.71
C PRO B 19 21.23 -12.41 -8.39
N SER B 20 21.73 -11.35 -7.78
CA SER B 20 20.93 -10.27 -7.21
C SER B 20 20.86 -9.00 -8.04
N LEU B 21 19.78 -8.26 -7.86
CA LEU B 21 19.39 -7.14 -8.66
C LEU B 21 19.72 -5.78 -8.12
N ARG B 22 19.86 -4.80 -9.01
CA ARG B 22 20.19 -3.49 -8.54
C ARG B 22 19.67 -2.37 -9.38
N ALA B 23 18.57 -1.70 -9.05
CA ALA B 23 17.44 -2.13 -8.22
C ALA B 23 17.13 -1.36 -6.94
N SER B 24 16.03 -0.62 -6.92
CA SER B 24 15.57 -0.04 -5.70
C SER B 24 14.07 0.24 -5.68
N ARG B 25 13.48 0.16 -4.51
CA ARG B 25 12.04 0.11 -4.39
C ARG B 25 11.37 1.44 -4.16
N GLN B 26 10.31 1.72 -4.87
CA GLN B 26 9.62 2.99 -4.74
C GLN B 26 8.15 2.85 -4.65
N ARG B 27 7.71 2.08 -3.69
CA ARG B 27 6.26 1.86 -3.50
C ARG B 27 5.99 1.30 -2.09
N PRO B 28 4.79 1.35 -1.63
CA PRO B 28 4.54 0.88 -0.23
C PRO B 28 4.63 -0.67 -0.12
N ILE B 29 4.97 -1.17 1.07
CA ILE B 29 4.73 -2.51 1.43
C ILE B 29 3.23 -2.53 1.74
N ILE B 30 2.49 -3.44 1.06
CA ILE B 30 1.07 -3.67 1.39
C ILE B 30 1.07 -5.06 2.10
N SER B 31 0.72 -5.07 3.37
CA SER B 31 1.11 -6.21 4.24
C SER B 31 0.10 -7.35 3.99
N LEU B 32 0.52 -8.57 3.64
CA LEU B 32 -0.33 -9.73 3.48
C LEU B 32 -1.05 -10.10 4.79
N LYS B 33 -0.25 -10.29 5.85
CA LYS B 33 -0.71 -10.67 7.11
C LYS B 33 -1.81 -9.75 7.55
N GLU B 34 -1.57 -8.44 7.45
CA GLU B 34 -2.61 -7.49 7.85
C GLU B 34 -3.87 -7.52 7.09
N ARG B 35 -3.77 -7.73 5.79
CA ARG B 35 -4.97 -7.74 4.89
C ARG B 35 -5.74 -9.07 5.15
N ILE B 36 -5.04 -10.14 5.55
CA ILE B 36 -5.84 -11.38 5.92
C ILE B 36 -6.67 -11.04 7.18
N LEU B 37 -6.07 -10.41 8.19
CA LEU B 37 -6.82 -10.04 9.39
C LEU B 37 -7.89 -9.09 9.06
N GLU B 38 -7.72 -8.28 8.03
CA GLU B 38 -8.82 -7.41 7.66
C GLU B 38 -9.94 -8.21 7.00
N PHE B 39 -9.60 -9.11 6.07
CA PHE B 39 -10.69 -9.97 5.51
C PHE B 39 -11.44 -10.79 6.60
N ASN B 40 -10.75 -11.18 7.64
CA ASN B 40 -11.32 -11.97 8.66
C ASN B 40 -12.38 -11.18 9.36
N LYS B 41 -12.09 -9.91 9.61
CA LYS B 41 -13.01 -9.04 10.32
C LYS B 41 -14.31 -8.85 9.60
N ARG B 42 -14.25 -8.75 8.29
CA ARG B 42 -15.39 -8.42 7.52
C ARG B 42 -15.96 -9.67 6.92
N ASN B 43 -15.28 -10.76 7.19
CA ASN B 43 -15.54 -12.12 6.72
C ASN B 43 -16.40 -12.50 5.52
N ASN B 44 -16.06 -12.23 4.28
CA ASN B 44 -14.76 -12.09 3.65
C ASN B 44 -13.75 -13.23 3.71
N THR B 45 -14.01 -14.28 2.94
CA THR B 45 -13.07 -15.39 2.78
C THR B 45 -11.75 -14.94 2.20
N ALA B 46 -10.66 -15.40 2.76
CA ALA B 46 -9.33 -14.93 2.40
C ALA B 46 -8.47 -15.94 1.64
N ILE B 47 -8.33 -15.74 0.35
CA ILE B 47 -7.65 -16.72 -0.48
C ILE B 47 -6.44 -16.08 -1.10
N ILE B 48 -5.30 -16.72 -0.97
CA ILE B 48 -4.06 -16.34 -1.70
C ILE B 48 -3.88 -17.19 -2.99
N ALA B 49 -4.01 -16.56 -4.17
CA ALA B 49 -3.91 -17.26 -5.46
C ALA B 49 -2.50 -17.37 -5.91
N VAL B 50 -2.02 -18.56 -6.27
CA VAL B 50 -0.60 -18.73 -6.64
C VAL B 50 -0.53 -18.70 -8.18
N TYR B 51 0.40 -17.89 -8.72
CA TYR B 51 0.76 -17.98 -10.09
C TYR B 51 1.94 -18.90 -10.26
N LYS B 52 1.75 -20.01 -11.00
CA LYS B 52 2.88 -20.79 -11.45
C LYS B 52 2.51 -21.60 -12.74
N ARG B 53 3.43 -21.65 -13.69
CA ARG B 53 3.22 -22.25 -15.00
C ARG B 53 3.47 -23.76 -14.85
N LYS B 54 4.48 -24.14 -14.03
CA LYS B 54 4.96 -25.55 -13.97
C LYS B 54 5.05 -25.98 -12.49
N SER B 55 4.94 -27.28 -12.21
CA SER B 55 5.39 -27.87 -10.95
C SER B 55 6.14 -29.20 -11.27
N PRO B 56 7.10 -29.63 -10.38
CA PRO B 56 7.82 -30.92 -10.66
C PRO B 56 6.91 -32.17 -10.49
N SER B 57 5.74 -32.01 -9.87
CA SER B 57 4.75 -33.04 -9.96
C SER B 57 3.90 -33.03 -11.28
N GLY B 58 4.23 -32.15 -12.24
CA GLY B 58 3.42 -32.16 -13.47
C GLY B 58 2.35 -31.13 -13.88
N LEU B 59 2.05 -30.14 -13.03
CA LEU B 59 1.34 -28.91 -13.54
C LEU B 59 2.03 -28.31 -14.80
N ASP B 60 1.23 -28.01 -15.81
CA ASP B 60 1.79 -27.45 -17.12
C ASP B 60 0.67 -26.64 -17.75
N VAL B 61 0.74 -25.33 -17.49
CA VAL B 61 -0.31 -24.43 -17.94
C VAL B 61 0.22 -23.22 -18.74
N GLU B 62 -0.54 -22.81 -19.73
CA GLU B 62 -0.29 -21.65 -20.48
C GLU B 62 -1.21 -20.58 -19.96
N ARG B 63 -0.62 -19.50 -19.40
CA ARG B 63 -1.48 -18.37 -18.93
C ARG B 63 -0.63 -17.11 -18.63
N ASP B 64 -1.10 -15.98 -19.06
CA ASP B 64 -0.36 -14.73 -18.97
C ASP B 64 -0.39 -14.24 -17.51
N PRO B 65 0.75 -13.95 -16.94
CA PRO B 65 0.85 -13.54 -15.54
C PRO B 65 -0.07 -12.31 -15.16
N ILE B 66 -0.01 -11.30 -16.02
CA ILE B 66 -0.78 -10.01 -15.83
C ILE B 66 -2.29 -10.27 -15.89
N GLU B 67 -2.77 -11.03 -16.89
CA GLU B 67 -4.23 -11.26 -16.94
C GLU B 67 -4.73 -12.02 -15.72
N TYR B 68 -3.95 -13.00 -15.23
CA TYR B 68 -4.36 -13.79 -14.04
C TYR B 68 -4.36 -12.91 -12.81
N ALA B 69 -3.25 -12.15 -12.65
CA ALA B 69 -3.15 -11.06 -11.63
C ALA B 69 -4.31 -10.13 -11.69
N LYS B 70 -4.63 -9.66 -12.89
CA LYS B 70 -5.68 -8.55 -13.00
C LYS B 70 -7.01 -9.13 -12.75
N PHE B 71 -7.19 -10.40 -13.05
CA PHE B 71 -8.45 -11.03 -12.69
C PHE B 71 -8.50 -11.39 -11.17
N MET B 72 -7.39 -11.82 -10.60
CA MET B 72 -7.42 -12.15 -9.14
C MET B 72 -7.59 -10.96 -8.19
N GLU B 73 -7.17 -9.78 -8.63
CA GLU B 73 -7.32 -8.54 -7.85
C GLU B 73 -8.67 -8.23 -7.20
N ARG B 74 -9.77 -8.66 -7.80
CA ARG B 74 -11.03 -8.36 -7.23
C ARG B 74 -11.39 -9.34 -6.12
N TYR B 75 -10.81 -10.56 -6.09
CA TYR B 75 -11.21 -11.53 -5.07
C TYR B 75 -10.15 -11.91 -4.08
N ALA B 76 -8.89 -12.04 -4.52
CA ALA B 76 -7.95 -12.77 -3.73
C ALA B 76 -7.65 -11.84 -2.54
N VAL B 77 -7.17 -12.35 -1.45
CA VAL B 77 -6.64 -11.47 -0.43
C VAL B 77 -5.18 -11.07 -0.79
N GLY B 78 -4.51 -11.91 -1.59
CA GLY B 78 -3.15 -11.73 -2.04
C GLY B 78 -2.80 -12.63 -3.21
N LEU B 79 -1.67 -12.35 -3.83
CA LEU B 79 -1.06 -13.17 -4.82
C LEU B 79 0.27 -13.74 -4.42
N ALA B 80 0.57 -14.99 -4.70
CA ALA B 80 1.94 -15.54 -4.53
C ALA B 80 2.52 -15.90 -5.87
N ILE B 81 3.83 -15.73 -6.08
CA ILE B 81 4.42 -15.77 -7.46
C ILE B 81 5.63 -16.65 -7.38
N LEU B 82 5.66 -17.79 -8.11
CA LEU B 82 6.91 -18.54 -8.20
C LEU B 82 7.97 -17.75 -8.99
N THR B 83 9.11 -17.51 -8.34
CA THR B 83 10.23 -16.96 -9.03
C THR B 83 11.37 -17.94 -9.15
N GLU B 84 11.17 -19.19 -8.71
CA GLU B 84 12.11 -20.28 -9.02
C GLU B 84 12.00 -20.70 -10.49
N GLU B 85 13.12 -20.88 -11.12
CA GLU B 85 13.26 -20.89 -12.61
C GLU B 85 13.42 -22.38 -13.14
N LYS B 86 14.16 -23.26 -12.45
CA LYS B 86 14.36 -24.51 -13.03
C LYS B 86 13.18 -25.50 -12.99
N TYR B 87 12.49 -25.60 -11.86
CA TYR B 87 11.41 -26.58 -11.69
C TYR B 87 10.07 -26.01 -11.82
N PHE B 88 9.92 -24.71 -11.57
CA PHE B 88 8.59 -24.12 -11.65
C PHE B 88 8.44 -23.11 -12.80
N ASN B 89 9.54 -22.92 -13.50
CA ASN B 89 9.62 -21.98 -14.63
C ASN B 89 9.14 -20.56 -14.33
N GLY B 90 9.48 -19.98 -13.18
CA GLY B 90 9.13 -18.62 -13.03
C GLY B 90 10.39 -17.82 -13.17
N SER B 91 10.29 -16.51 -12.94
CA SER B 91 11.48 -15.71 -12.86
C SER B 91 11.05 -14.52 -12.12
N TYR B 92 11.95 -13.60 -11.85
CA TYR B 92 11.72 -12.24 -11.30
C TYR B 92 10.92 -11.32 -12.18
N GLU B 93 11.08 -11.43 -13.48
CA GLU B 93 10.19 -10.77 -14.42
C GLU B 93 8.72 -11.06 -14.17
N ASP B 94 8.37 -12.24 -13.74
CA ASP B 94 6.91 -12.46 -13.45
C ASP B 94 6.51 -11.59 -12.28
N LEU B 95 7.40 -11.51 -11.29
CA LEU B 95 7.05 -10.69 -10.08
C LEU B 95 6.91 -9.24 -10.59
N ARG B 96 7.93 -8.79 -11.35
CA ARG B 96 7.90 -7.42 -11.94
C ARG B 96 6.66 -7.18 -12.80
N LYS B 97 6.25 -8.17 -13.59
CA LYS B 97 5.06 -7.92 -14.35
C LYS B 97 3.85 -7.80 -13.43
N ILE B 98 3.72 -8.67 -12.47
CA ILE B 98 2.44 -8.65 -11.68
C ILE B 98 2.50 -7.41 -10.76
N ALA B 99 3.69 -7.08 -10.23
CA ALA B 99 3.81 -5.86 -9.31
C ALA B 99 3.37 -4.57 -10.01
N SER B 100 3.60 -4.47 -11.34
CA SER B 100 3.10 -3.36 -12.18
C SER B 100 1.67 -3.33 -12.42
N SER B 101 0.97 -4.40 -12.07
CA SER B 101 -0.36 -4.36 -12.62
C SER B 101 -1.42 -4.40 -11.65
N VAL B 102 -1.12 -4.63 -10.39
CA VAL B 102 -2.20 -4.70 -9.39
C VAL B 102 -1.72 -4.10 -8.17
N SER B 103 -2.67 -3.72 -7.33
CA SER B 103 -2.38 -3.10 -6.03
C SER B 103 -2.77 -3.97 -4.82
N ILE B 104 -2.29 -5.23 -4.76
CA ILE B 104 -2.65 -6.08 -3.63
C ILE B 104 -1.39 -6.78 -3.15
N PRO B 105 -1.39 -7.32 -1.97
CA PRO B 105 -0.13 -7.87 -1.48
C PRO B 105 0.39 -8.99 -2.34
N ILE B 106 1.70 -9.09 -2.45
CA ILE B 106 2.32 -10.13 -3.16
C ILE B 106 3.37 -10.85 -2.32
N LEU B 107 3.33 -12.19 -2.29
CA LEU B 107 4.33 -13.04 -1.70
C LEU B 107 5.20 -13.64 -2.77
N MET B 108 6.51 -13.58 -2.64
CA MET B 108 7.34 -14.09 -3.67
C MET B 108 7.71 -15.39 -3.13
N TRP B 109 7.53 -16.45 -3.96
CA TRP B 109 7.53 -17.81 -3.45
C TRP B 109 8.79 -18.43 -4.06
N ASP B 110 9.74 -18.84 -3.27
CA ASP B 110 10.96 -19.27 -3.86
C ASP B 110 11.57 -20.06 -2.73
N PHE B 111 12.81 -20.49 -2.85
CA PHE B 111 13.51 -21.31 -1.90
C PHE B 111 14.61 -20.39 -1.33
N ILE B 112 14.28 -19.70 -0.25
CA ILE B 112 15.02 -18.52 0.20
C ILE B 112 16.05 -18.96 1.21
N VAL B 113 17.31 -18.84 0.80
CA VAL B 113 18.47 -19.35 1.55
C VAL B 113 19.57 -18.30 1.83
N LYS B 114 19.46 -17.07 1.33
CA LYS B 114 20.45 -16.00 1.65
C LYS B 114 19.79 -14.63 1.69
N GLU B 115 20.47 -13.66 2.23
CA GLU B 115 19.88 -12.30 2.34
C GLU B 115 19.53 -11.63 1.03
N SER B 116 20.37 -11.84 0.02
CA SER B 116 20.18 -11.15 -1.26
C SER B 116 18.85 -11.52 -1.93
N GLN B 117 18.37 -12.72 -1.66
CA GLN B 117 17.01 -13.07 -2.20
C GLN B 117 15.95 -12.18 -1.62
N ILE B 118 16.05 -11.85 -0.32
CA ILE B 118 15.12 -10.90 0.32
C ILE B 118 15.29 -9.51 -0.28
N ASP B 119 16.54 -9.05 -0.47
CA ASP B 119 16.78 -7.69 -1.18
C ASP B 119 16.09 -7.76 -2.49
N ASP B 120 16.30 -8.87 -3.24
CA ASP B 120 15.58 -8.90 -4.52
C ASP B 120 14.08 -8.81 -4.36
N ALA B 121 13.50 -9.57 -3.41
CA ALA B 121 12.06 -9.35 -3.32
C ALA B 121 11.70 -7.97 -2.95
N TYR B 122 12.39 -7.33 -2.02
CA TYR B 122 11.97 -6.01 -1.62
C TYR B 122 12.06 -5.05 -2.83
N ASN B 123 13.20 -5.07 -3.50
CA ASN B 123 13.39 -4.16 -4.63
C ASN B 123 12.36 -4.43 -5.73
N LEU B 124 11.96 -5.69 -5.93
CA LEU B 124 11.00 -5.98 -7.05
C LEU B 124 9.54 -5.70 -6.70
N GLY B 125 9.18 -5.43 -5.44
CA GLY B 125 7.80 -5.00 -5.16
C GLY B 125 7.05 -6.10 -4.45
N ALA B 126 7.70 -7.19 -4.01
CA ALA B 126 6.91 -8.18 -3.25
C ALA B 126 6.75 -7.56 -1.85
N ASP B 127 5.62 -7.82 -1.27
CA ASP B 127 5.26 -7.44 0.06
C ASP B 127 5.73 -8.37 1.16
N THR B 128 6.18 -9.58 0.85
CA THR B 128 6.61 -10.56 1.85
C THR B 128 7.13 -11.75 1.13
N VAL B 129 7.86 -12.59 1.87
CA VAL B 129 8.46 -13.90 1.37
C VAL B 129 8.08 -15.06 2.26
N GLY B 130 8.31 -16.27 1.83
CA GLY B 130 8.10 -17.43 2.66
C GLY B 130 9.43 -18.02 3.03
N LEU B 131 9.55 -18.69 4.14
CA LEU B 131 10.87 -19.20 4.60
C LEU B 131 10.50 -20.58 5.01
N ILE B 132 11.13 -21.61 4.44
CA ILE B 132 10.75 -23.02 4.63
C ILE B 132 11.64 -23.69 5.66
N VAL B 133 11.01 -24.01 6.78
CA VAL B 133 11.75 -24.58 7.94
C VAL B 133 12.62 -25.81 7.57
N LYS B 134 12.04 -26.74 6.76
CA LYS B 134 12.70 -27.98 6.35
C LYS B 134 14.00 -27.70 5.55
N ILE B 135 14.25 -26.46 5.10
CA ILE B 135 15.39 -26.21 4.23
C ILE B 135 16.49 -25.45 4.92
N LEU B 136 16.16 -24.90 6.09
CA LEU B 136 17.04 -24.00 6.84
C LEU B 136 17.45 -24.51 8.23
N THR B 137 18.59 -24.10 8.78
CA THR B 137 18.91 -24.49 10.18
C THR B 137 18.11 -23.44 10.92
N GLU B 138 17.80 -23.71 12.20
CA GLU B 138 17.18 -22.70 13.11
C GLU B 138 17.87 -21.32 13.18
N ARG B 139 19.18 -21.30 13.28
CA ARG B 139 19.99 -20.03 13.24
C ARG B 139 19.72 -19.19 11.96
N GLU B 140 19.83 -19.85 10.77
CA GLU B 140 19.42 -19.32 9.45
C GLU B 140 17.99 -18.76 9.48
N LEU B 141 17.04 -19.60 9.85
CA LEU B 141 15.66 -19.16 9.86
C LEU B 141 15.47 -17.97 10.71
N GLU B 142 16.23 -17.86 11.77
CA GLU B 142 15.93 -16.79 12.64
C GLU B 142 16.62 -15.51 12.11
N SER B 143 17.84 -15.64 11.69
CA SER B 143 18.56 -14.47 11.09
C SER B 143 17.75 -13.90 9.86
N LEU B 144 17.38 -14.85 8.94
CA LEU B 144 16.50 -14.47 7.77
C LEU B 144 15.14 -13.85 8.17
N LEU B 145 14.54 -14.31 9.25
CA LEU B 145 13.26 -13.76 9.66
C LEU B 145 13.43 -12.31 10.05
N GLU B 146 14.47 -11.99 10.79
CA GLU B 146 14.85 -10.63 11.27
C GLU B 146 15.22 -9.73 10.12
N TYR B 147 15.99 -10.30 9.22
CA TYR B 147 16.32 -9.60 8.01
C TYR B 147 15.09 -9.16 7.26
N ALA B 148 14.07 -10.01 7.17
CA ALA B 148 12.88 -9.62 6.48
C ALA B 148 12.08 -8.58 7.21
N ARG B 149 11.90 -8.74 8.55
CA ARG B 149 11.18 -7.65 9.31
C ARG B 149 11.96 -6.36 9.24
N SER B 150 13.28 -6.44 9.14
CA SER B 150 13.96 -5.16 9.00
C SER B 150 13.58 -4.37 7.73
N TYR B 151 12.98 -5.03 6.74
CA TYR B 151 12.44 -4.39 5.59
C TYR B 151 10.96 -4.15 5.71
N GLY B 152 10.34 -4.40 6.88
CA GLY B 152 8.89 -4.20 7.07
C GLY B 152 7.95 -5.33 6.59
N MET B 153 8.50 -6.50 6.33
CA MET B 153 7.77 -7.59 5.81
C MET B 153 7.61 -8.57 6.96
N GLU B 154 6.37 -9.01 7.23
CA GLU B 154 6.28 -10.21 8.08
C GLU B 154 6.23 -11.45 7.18
N PRO B 155 7.21 -12.32 7.29
CA PRO B 155 7.25 -13.41 6.38
C PRO B 155 6.40 -14.63 6.83
N ALA B 156 5.99 -15.47 5.82
CA ALA B 156 5.20 -16.63 6.11
C ALA B 156 6.14 -17.72 6.39
N ILE B 157 6.07 -18.31 7.57
CA ILE B 157 7.01 -19.45 7.92
C ILE B 157 6.28 -20.70 7.48
N VAL B 158 6.93 -21.51 6.68
CA VAL B 158 6.27 -22.61 6.10
C VAL B 158 6.64 -23.92 6.82
N ILE B 159 5.63 -24.66 7.29
CA ILE B 159 5.85 -25.88 8.07
C ILE B 159 5.06 -27.08 7.55
N ASN B 160 5.55 -28.26 7.93
CA ASN B 160 5.07 -29.57 7.48
C ASN B 160 4.61 -30.51 8.60
N ASP B 161 5.21 -30.38 9.80
CA ASP B 161 5.02 -31.36 10.92
C ASP B 161 5.29 -30.68 12.28
N GLU B 162 5.23 -31.43 13.33
CA GLU B 162 5.31 -30.82 14.61
C GLU B 162 6.71 -30.30 14.88
N ASN B 163 7.70 -30.96 14.32
CA ASN B 163 9.06 -30.54 14.48
C ASN B 163 9.32 -29.09 13.92
N ASP B 164 8.71 -28.76 12.77
CA ASP B 164 8.85 -27.42 12.16
C ASP B 164 8.06 -26.47 13.06
N LEU B 165 6.86 -26.91 13.46
CA LEU B 165 6.01 -26.06 14.34
C LEU B 165 6.77 -25.64 15.64
N ASP B 166 7.50 -26.58 16.25
CA ASP B 166 8.30 -26.25 17.39
C ASP B 166 9.36 -25.17 17.19
N ILE B 167 10.21 -25.36 16.17
CA ILE B 167 11.22 -24.34 15.78
C ILE B 167 10.47 -23.01 15.46
N ALA B 168 9.40 -23.06 14.66
CA ALA B 168 8.69 -21.80 14.27
C ALA B 168 8.08 -20.94 15.40
N LEU B 169 7.52 -21.59 16.43
CA LEU B 169 7.00 -20.82 17.59
C LEU B 169 8.10 -20.42 18.52
N ARG B 170 9.17 -21.15 18.51
CA ARG B 170 10.33 -20.85 19.34
C ARG B 170 11.20 -19.66 18.85
N ILE B 171 11.05 -19.30 17.57
CA ILE B 171 11.79 -18.17 17.04
C ILE B 171 10.83 -16.99 16.94
N GLY B 172 9.53 -17.21 17.18
CA GLY B 172 8.59 -16.13 17.28
C GLY B 172 7.76 -15.80 16.06
N ALA B 173 7.49 -16.81 15.20
CA ALA B 173 6.71 -16.63 13.97
C ALA B 173 5.43 -16.00 14.30
N ARG B 174 5.00 -15.06 13.48
CA ARG B 174 3.66 -14.53 13.60
C ARG B 174 2.69 -14.96 12.47
N PHE B 175 3.24 -15.57 11.43
CA PHE B 175 2.48 -15.81 10.22
C PHE B 175 3.01 -17.11 9.74
N ILE B 176 2.14 -18.08 9.64
CA ILE B 176 2.61 -19.43 9.44
C ILE B 176 1.79 -20.07 8.34
N ILE B 177 2.47 -20.72 7.39
CA ILE B 177 1.81 -21.45 6.36
C ILE B 177 1.89 -22.98 6.68
N ILE B 178 0.74 -23.64 6.87
CA ILE B 178 0.68 -25.07 7.05
C ILE B 178 0.59 -25.80 5.75
N SER B 179 1.61 -26.60 5.50
CA SER B 179 1.64 -27.28 4.24
C SER B 179 1.35 -28.82 4.29
N SER B 180 0.56 -29.27 3.31
CA SER B 180 0.38 -30.71 3.15
C SER B 180 1.36 -31.44 2.22
N HIS B 181 2.07 -30.72 1.37
CA HIS B 181 3.03 -31.32 0.49
C HIS B 181 4.26 -31.80 1.31
N ASP B 182 4.70 -33.05 1.13
CA ASP B 182 6.10 -33.38 1.53
C ASP B 182 7.01 -32.88 0.39
N LEU B 183 8.10 -32.22 0.74
CA LEU B 183 8.90 -31.56 -0.28
C LEU B 183 9.82 -32.50 -1.11
N GLU B 184 10.39 -33.50 -0.44
CA GLU B 184 11.27 -34.48 -1.11
C GLU B 184 10.43 -35.16 -2.21
N THR B 185 9.16 -35.43 -1.93
CA THR B 185 8.23 -36.17 -2.84
C THR B 185 7.17 -35.32 -3.62
N LEU B 186 6.03 -34.98 -3.01
CA LEU B 186 4.87 -34.36 -3.73
C LEU B 186 4.09 -35.39 -4.61
N GLU B 187 2.98 -36.03 -4.15
CA GLU B 187 2.40 -36.39 -2.78
C GLU B 187 2.00 -35.45 -1.63
N ILE B 188 0.68 -35.23 -1.60
CA ILE B 188 -0.10 -34.62 -0.52
C ILE B 188 -0.49 -35.64 0.56
N ASN B 189 -0.57 -35.16 1.80
CA ASN B 189 -0.95 -36.02 2.91
C ASN B 189 -1.54 -35.22 4.08
N LYS B 190 -2.87 -35.19 4.14
CA LYS B 190 -3.54 -34.36 5.13
C LYS B 190 -3.74 -35.03 6.49
N GLU B 191 -2.98 -36.05 6.83
CA GLU B 191 -3.20 -36.83 8.07
C GLU B 191 -3.03 -35.99 9.32
N ASN B 192 -1.82 -35.38 9.41
CA ASN B 192 -1.30 -34.41 10.38
C ASN B 192 -2.12 -33.13 10.54
N GLN B 193 -2.85 -32.82 9.47
CA GLN B 193 -3.36 -31.48 9.30
C GLN B 193 -4.13 -30.96 10.52
N ARG B 194 -5.09 -31.70 11.07
CA ARG B 194 -5.91 -31.11 12.15
C ARG B 194 -5.10 -30.93 13.39
N LYS B 195 -4.32 -31.96 13.64
CA LYS B 195 -3.54 -31.98 14.85
C LYS B 195 -2.64 -30.72 14.78
N LEU B 196 -1.97 -30.49 13.63
CA LEU B 196 -1.07 -29.29 13.46
C LEU B 196 -1.85 -28.02 13.69
N ILE B 197 -3.00 -27.89 13.05
CA ILE B 197 -3.79 -26.72 13.26
C ILE B 197 -4.25 -26.38 14.64
N SER B 198 -4.40 -27.40 15.51
CA SER B 198 -4.84 -27.13 16.91
C SER B 198 -3.70 -26.84 17.84
N MET B 199 -2.43 -26.94 17.35
CA MET B 199 -1.25 -26.66 18.23
C MET B 199 -0.71 -25.23 18.07
N ILE B 200 -1.45 -24.38 17.33
CA ILE B 200 -0.96 -23.07 16.99
C ILE B 200 -1.84 -21.95 17.59
N PRO B 201 -1.19 -21.08 18.41
CA PRO B 201 -1.86 -20.18 19.28
C PRO B 201 -2.82 -19.32 18.54
N SER B 202 -3.79 -18.72 19.17
CA SER B 202 -4.81 -18.01 18.43
C SER B 202 -4.32 -16.78 17.70
N ASN B 203 -3.70 -15.87 18.41
CA ASN B 203 -2.36 -15.39 18.16
C ASN B 203 -1.72 -15.25 16.78
N VAL B 204 -1.67 -16.30 15.99
CA VAL B 204 -0.74 -16.35 14.90
C VAL B 204 -1.60 -16.46 13.69
N VAL B 205 -1.26 -15.82 12.58
CA VAL B 205 -2.11 -15.97 11.46
C VAL B 205 -1.78 -17.26 10.68
N LYS B 206 -2.77 -18.13 10.49
CA LYS B 206 -2.60 -19.49 9.91
C LYS B 206 -3.16 -19.57 8.52
N VAL B 207 -2.31 -19.97 7.57
CA VAL B 207 -2.78 -20.25 6.22
C VAL B 207 -2.63 -21.75 5.99
N VAL B 208 -3.62 -22.38 5.37
CA VAL B 208 -3.37 -23.73 4.93
C VAL B 208 -3.05 -23.77 3.45
N ALA B 209 -2.01 -24.50 3.07
CA ALA B 209 -1.76 -24.72 1.62
C ALA B 209 -2.00 -26.18 1.38
N SER B 210 -2.84 -26.43 0.42
CA SER B 210 -2.98 -27.78 -0.12
C SER B 210 -3.61 -27.64 -1.52
N GLY B 211 -3.66 -28.82 -2.15
CA GLY B 211 -4.42 -29.05 -3.32
C GLY B 211 -5.89 -28.77 -3.14
N ILE B 212 -6.23 -27.72 -2.39
CA ILE B 212 -7.61 -27.37 -2.19
C ILE B 212 -8.20 -27.15 -3.56
N SER B 213 -9.43 -27.65 -3.78
CA SER B 213 -10.09 -27.53 -5.08
C SER B 213 -11.64 -27.41 -5.05
N GLU B 214 -12.21 -27.59 -3.86
CA GLU B 214 -13.64 -27.39 -3.68
C GLU B 214 -13.94 -26.69 -2.32
N ARG B 215 -15.11 -26.04 -2.20
CA ARG B 215 -15.40 -25.05 -1.12
C ARG B 215 -15.52 -25.53 0.35
N ASN B 216 -15.98 -26.76 0.56
CA ASN B 216 -16.32 -27.18 1.94
C ASN B 216 -15.15 -27.62 2.76
N GLU B 217 -14.06 -28.01 2.06
CA GLU B 217 -12.72 -28.09 2.70
C GLU B 217 -12.50 -26.74 3.38
N ILE B 218 -12.69 -25.67 2.59
CA ILE B 218 -12.48 -24.35 3.12
C ILE B 218 -13.39 -24.03 4.21
N GLU B 219 -14.59 -24.56 4.10
CA GLU B 219 -15.58 -24.27 5.12
C GLU B 219 -15.09 -24.94 6.40
N GLU B 220 -14.81 -26.24 6.28
CA GLU B 220 -14.37 -26.96 7.47
C GLU B 220 -13.18 -26.33 8.19
N LEU B 221 -12.09 -26.07 7.43
CA LEU B 221 -10.86 -25.55 7.99
C LEU B 221 -11.05 -24.19 8.61
N TYR B 222 -11.95 -23.37 8.05
CA TYR B 222 -12.27 -22.11 8.73
C TYR B 222 -12.72 -22.32 10.20
N LYS B 223 -13.58 -23.32 10.42
CA LYS B 223 -14.12 -23.63 11.74
C LYS B 223 -13.05 -23.97 12.78
N LEU B 224 -11.96 -24.62 12.32
CA LEU B 224 -10.73 -24.89 13.17
C LEU B 224 -9.86 -23.65 13.47
N GLY B 225 -10.26 -22.45 13.00
CA GLY B 225 -9.50 -21.21 13.27
C GLY B 225 -8.39 -20.80 12.27
N VAL B 226 -8.38 -21.39 11.08
CA VAL B 226 -7.58 -20.99 9.94
C VAL B 226 -7.97 -19.65 9.30
N ASN B 227 -6.97 -18.77 9.09
CA ASN B 227 -7.21 -17.46 8.61
C ASN B 227 -7.35 -17.32 7.10
N ALA B 228 -6.70 -18.15 6.32
CA ALA B 228 -6.60 -17.87 4.85
C ALA B 228 -6.17 -19.14 4.19
N PHE B 229 -6.37 -19.17 2.87
CA PHE B 229 -6.15 -20.37 2.11
C PHE B 229 -5.24 -20.16 0.90
N GLU B 230 -4.15 -20.89 0.76
CA GLU B 230 -3.30 -20.71 -0.37
C GLU B 230 -3.68 -21.74 -1.41
N ILE B 231 -3.96 -21.31 -2.62
CA ILE B 231 -4.45 -22.18 -3.65
C ILE B 231 -3.82 -21.89 -5.01
N GLY B 232 -3.19 -22.88 -5.59
CA GLY B 232 -2.59 -22.75 -6.89
C GLY B 232 -3.26 -23.47 -8.09
N SER B 233 -2.96 -24.78 -8.19
CA SER B 233 -3.37 -25.66 -9.29
C SER B 233 -4.72 -25.45 -9.74
N SER B 234 -5.71 -25.56 -8.90
CA SER B 234 -7.03 -25.42 -9.46
C SER B 234 -7.33 -24.04 -9.94
N LEU B 235 -6.74 -23.02 -9.31
CA LEU B 235 -6.88 -21.68 -9.85
C LEU B 235 -6.04 -21.54 -11.14
N MET B 236 -4.80 -22.07 -11.18
CA MET B 236 -4.03 -21.96 -12.40
C MET B 236 -4.84 -22.52 -13.66
N ARG B 237 -5.40 -23.74 -13.55
CA ARG B 237 -6.20 -24.40 -14.63
C ARG B 237 -7.47 -23.69 -14.92
N ASN B 238 -8.08 -23.18 -13.85
CA ASN B 238 -9.36 -22.51 -13.93
C ASN B 238 -9.56 -21.22 -13.16
N PRO B 239 -9.06 -20.10 -13.63
CA PRO B 239 -9.03 -18.99 -12.68
C PRO B 239 -10.40 -18.77 -12.02
N GLU B 240 -11.42 -18.94 -12.88
CA GLU B 240 -12.87 -18.75 -12.63
C GLU B 240 -13.42 -19.42 -11.36
N LYS B 241 -12.80 -20.50 -10.92
CA LYS B 241 -13.19 -21.19 -9.66
C LYS B 241 -13.14 -20.35 -8.36
N ILE B 242 -12.34 -19.27 -8.40
CA ILE B 242 -12.28 -18.38 -7.23
C ILE B 242 -13.66 -17.78 -6.83
N LYS B 243 -14.55 -17.53 -7.79
CA LYS B 243 -15.95 -17.27 -7.39
C LYS B 243 -16.51 -18.39 -6.47
N GLU B 244 -16.33 -19.65 -6.89
CA GLU B 244 -17.02 -20.68 -6.11
C GLU B 244 -16.43 -20.59 -4.70
N PHE B 245 -15.11 -20.39 -4.60
CA PHE B 245 -14.48 -20.45 -3.30
C PHE B 245 -14.78 -19.35 -2.34
N ILE B 246 -15.30 -18.21 -2.82
CA ILE B 246 -15.42 -17.02 -2.02
C ILE B 246 -16.78 -16.77 -1.27
N GLN B 247 -17.90 -17.21 -1.87
CA GLN B 247 -19.27 -16.91 -1.34
C GLN B 247 -19.75 -17.82 -0.17
S SO4 C . 5.53 21.43 4.12
O1 SO4 C . 4.26 21.59 3.40
O2 SO4 C . 6.02 22.80 4.23
O3 SO4 C . 5.32 20.89 5.48
O4 SO4 C . 6.51 20.54 3.45
S SO4 D . -1.41 -26.18 -4.92
O1 SO4 D . -0.40 -25.34 -4.20
O2 SO4 D . -1.00 -26.13 -6.34
O3 SO4 D . -2.80 -25.68 -4.69
O4 SO4 D . -1.40 -27.57 -4.41
#